data_6GVD
#
_entry.id   6GVD
#
_cell.length_a   66.957
_cell.length_b   96.135
_cell.length_c   97.900
_cell.angle_alpha   90.00
_cell.angle_beta   90.00
_cell.angle_gamma   90.00
#
_symmetry.space_group_name_H-M   'P 21 21 21'
#
loop_
_entity.id
_entity.type
_entity.pdbx_description
1 polymer Alpha-galactosidase
2 non-polymer 'SULFATE ION'
3 non-polymer 'MAGNESIUM ION'
4 non-polymer (1~{S},2~{S},3~{S},4~{S})-5-(hydroxymethyl)cyclohex-5-ene-1,2,3,4-tetrol
5 water water
#
_entity_poly.entity_id   1
_entity_poly.type   'polypeptide(L)'
_entity_poly.pdbx_seq_one_letter_code
;MGSSHHHHHHSSGLVPRGSHMASMEIFGKTFREGRFVLKEKNFTVEFAVEKIHLGWKISGRVKGSPGRLEVLRTKAPEKV
LVNNWQSWGPCRVVDAFSFKPPEIDPNWRYTASVVPDVLERNLQSDYFVAEEGKVYGFLSSKIAHPFFAVEDGELVAYLE
YFDVEFDDFVPLEPLVVLEDPNTPLLLEKYAELVGMENNARVPKHTPTGWCSWYHYFLDLTWEETLKNLKLAKNFPFEVF
QIDDAYEKDIGDWLVTRGDFPSVEEMAKVIAENGFIPGIWTAPFSVSETSDVFNEHPDWVVKENGEPKMAYRNWNKKIYA
LDLSKDEVLNWLFDLFSSLRKMGYRYFKIDFLFAGAVPGERKKNITPIQAFRKGIETIRKAVGEDSFILGCGSPLLPAVG
CVDGMRIGPDTAPFWGEHIEDNGAPAARWALRNAITRYFMHDRFWLNDPDCLILREEKTDLTQKEKELYSYTCGVLDNMI
IESDDLSLVRDHGKKVLKETLELLGGRPRVQNIMSEDLRYEIVSSGTLSGNVKIVVDLNSREYHLEKEGKSSLKKRVVKR
EDGRNFYFYEEGERE
;
_entity_poly.pdbx_strand_id   A
#
# COMPACT_ATOMS: atom_id res chain seq x y z
N GLY A 18 1.14 -10.69 -33.58
CA GLY A 18 0.10 -11.66 -33.13
C GLY A 18 -1.32 -11.15 -33.39
N SER A 19 -2.24 -12.09 -33.53
CA SER A 19 -3.63 -11.81 -33.86
C SER A 19 -4.28 -10.98 -32.74
N HIS A 20 -3.90 -11.28 -31.50
CA HIS A 20 -4.42 -10.58 -30.31
C HIS A 20 -3.88 -9.14 -30.25
N MET A 21 -2.69 -8.86 -30.78
CA MET A 21 -2.06 -7.55 -30.75
CA MET A 21 -2.11 -7.55 -30.71
C MET A 21 -2.75 -6.65 -31.78
N ALA A 22 -2.98 -7.19 -32.98
CA ALA A 22 -3.67 -6.44 -34.04
C ALA A 22 -5.08 -6.03 -33.58
N SER A 23 -5.64 -6.79 -32.62
CA SER A 23 -7.01 -6.64 -32.12
CA SER A 23 -7.01 -6.60 -32.15
C SER A 23 -7.11 -5.53 -31.07
N MET A 24 -5.97 -5.01 -30.56
CA MET A 24 -5.91 -3.95 -29.54
CA MET A 24 -6.01 -3.97 -29.54
C MET A 24 -6.17 -2.60 -30.20
N GLU A 25 -6.71 -1.64 -29.43
CA GLU A 25 -6.72 -0.23 -29.84
C GLU A 25 -6.02 0.61 -28.77
N ILE A 26 -5.23 1.59 -29.26
CA ILE A 26 -4.47 2.53 -28.44
C ILE A 26 -4.97 3.95 -28.77
N PHE A 27 -5.48 4.66 -27.76
CA PHE A 27 -6.12 5.96 -27.95
C PHE A 27 -7.09 5.89 -29.13
N GLY A 28 -7.84 4.78 -29.20
CA GLY A 28 -8.94 4.63 -30.16
C GLY A 28 -8.49 4.18 -31.55
N LYS A 29 -7.19 4.02 -31.77
CA LYS A 29 -6.63 3.67 -33.08
C LYS A 29 -6.15 2.21 -33.05
N THR A 30 -6.15 1.56 -34.22
CA THR A 30 -5.62 0.24 -34.34
C THR A 30 -4.19 0.22 -33.80
N PHE A 31 -3.85 -0.80 -33.01
CA PHE A 31 -2.53 -0.94 -32.44
C PHE A 31 -1.48 -1.15 -33.53
N ARG A 32 -0.39 -0.39 -33.45
CA ARG A 32 0.87 -0.66 -34.20
C ARG A 32 1.96 0.25 -33.65
N GLU A 33 3.21 -0.16 -33.86
CA GLU A 33 4.39 0.66 -33.53
C GLU A 33 4.33 2.00 -34.26
N GLY A 34 4.74 3.09 -33.59
CA GLY A 34 4.92 4.35 -34.25
C GLY A 34 4.72 5.55 -33.34
N ARG A 35 4.47 6.70 -33.97
CA ARG A 35 4.37 8.00 -33.32
C ARG A 35 3.12 8.69 -33.85
N PHE A 36 2.29 9.17 -32.93
CA PHE A 36 0.91 9.52 -33.26
C PHE A 36 0.49 10.81 -32.53
N VAL A 37 -0.48 11.50 -33.13
CA VAL A 37 -1.15 12.63 -32.51
C VAL A 37 -2.67 12.42 -32.59
N LEU A 38 -3.37 12.61 -31.47
CA LEU A 38 -4.81 12.56 -31.40
C LEU A 38 -5.31 13.94 -30.97
N LYS A 39 -6.02 14.63 -31.87
CA LYS A 39 -6.56 15.95 -31.59
C LYS A 39 -8.08 15.83 -31.45
N GLU A 40 -8.56 15.91 -30.20
CA GLU A 40 -9.98 15.85 -29.92
C GLU A 40 -10.50 17.26 -29.66
N LYS A 41 -11.84 17.38 -29.60
CA LYS A 41 -12.52 18.63 -29.28
C LYS A 41 -11.79 19.31 -28.12
N ASN A 42 -11.56 18.54 -27.04
CA ASN A 42 -11.31 19.13 -25.73
C ASN A 42 -9.88 18.83 -25.26
N PHE A 43 -9.16 17.95 -25.96
CA PHE A 43 -7.81 17.61 -25.56
C PHE A 43 -6.96 17.18 -26.75
N THR A 44 -5.65 17.14 -26.52
CA THR A 44 -4.67 16.69 -27.49
C THR A 44 -3.69 15.72 -26.81
N VAL A 45 -3.47 14.56 -27.46
CA VAL A 45 -2.49 13.60 -27.00
C VAL A 45 -1.44 13.42 -28.09
N GLU A 46 -0.17 13.41 -27.67
CA GLU A 46 0.92 12.99 -28.55
C GLU A 46 1.60 11.78 -27.91
N PHE A 47 1.63 10.64 -28.62
CA PHE A 47 2.08 9.40 -27.98
C PHE A 47 2.87 8.53 -28.96
N ALA A 48 3.74 7.71 -28.37
CA ALA A 48 4.56 6.76 -29.07
C ALA A 48 4.22 5.35 -28.58
N VAL A 49 4.25 4.39 -29.51
CA VAL A 49 4.17 2.97 -29.22
C VAL A 49 5.51 2.35 -29.62
N GLU A 50 6.27 1.85 -28.64
CA GLU A 50 7.68 1.49 -28.80
CA GLU A 50 7.66 1.47 -28.83
C GLU A 50 7.87 0.05 -28.28
N LYS A 51 8.72 -0.73 -28.96
CA LYS A 51 9.10 -2.06 -28.54
C LYS A 51 10.10 -1.96 -27.39
N ILE A 52 9.85 -2.74 -26.31
CA ILE A 52 10.78 -2.90 -25.21
C ILE A 52 10.99 -4.40 -24.97
N HIS A 53 11.95 -4.76 -24.13
CA HIS A 53 12.12 -6.16 -23.74
C HIS A 53 10.80 -6.68 -23.16
N LEU A 54 10.32 -7.80 -23.71
CA LEU A 54 9.13 -8.55 -23.27
C LEU A 54 7.82 -7.89 -23.74
N GLY A 55 7.87 -6.77 -24.48
CA GLY A 55 6.61 -6.22 -24.96
C GLY A 55 6.69 -4.82 -25.52
N TRP A 56 5.73 -3.98 -25.10
CA TRP A 56 5.50 -2.66 -25.67
C TRP A 56 5.35 -1.62 -24.57
N LYS A 57 5.74 -0.38 -24.89
CA LYS A 57 5.55 0.79 -24.02
C LYS A 57 4.83 1.90 -24.79
N ILE A 58 3.78 2.44 -24.18
CA ILE A 58 3.01 3.56 -24.68
C ILE A 58 3.29 4.76 -23.77
N SER A 59 3.83 5.83 -24.33
CA SER A 59 4.20 7.01 -23.58
C SER A 59 3.93 8.27 -24.40
N GLY A 60 4.03 9.44 -23.75
CA GLY A 60 3.88 10.71 -24.43
C GLY A 60 3.35 11.80 -23.51
N ARG A 61 2.48 12.65 -24.06
CA ARG A 61 2.10 13.88 -23.36
C ARG A 61 0.68 14.30 -23.77
N VAL A 62 0.00 15.03 -22.88
CA VAL A 62 -1.38 15.40 -23.07
C VAL A 62 -1.61 16.84 -22.61
N LYS A 63 -2.52 17.55 -23.28
CA LYS A 63 -2.91 18.88 -22.82
C LYS A 63 -4.41 19.08 -23.10
N GLY A 64 -4.96 20.13 -22.50
CA GLY A 64 -6.39 20.39 -22.57
C GLY A 64 -7.12 19.78 -21.39
N SER A 65 -8.30 19.22 -21.69
CA SER A 65 -9.22 18.68 -20.70
CA SER A 65 -9.20 18.67 -20.69
C SER A 65 -9.45 17.19 -20.99
N PRO A 66 -8.49 16.32 -20.66
CA PRO A 66 -8.57 14.91 -21.06
C PRO A 66 -9.62 14.09 -20.30
N GLY A 67 -10.09 14.58 -19.14
CA GLY A 67 -11.13 13.91 -18.39
C GLY A 67 -10.72 12.49 -18.02
N ARG A 68 -11.63 11.54 -18.29
CA ARG A 68 -11.32 10.14 -18.16
C ARG A 68 -10.84 9.65 -19.54
N LEU A 69 -9.51 9.53 -19.70
CA LEU A 69 -8.83 9.35 -20.98
C LEU A 69 -8.64 7.85 -21.27
N GLU A 70 -9.25 7.36 -22.36
CA GLU A 70 -9.10 5.98 -22.77
C GLU A 70 -7.73 5.78 -23.47
N VAL A 71 -6.89 4.90 -22.89
CA VAL A 71 -5.56 4.62 -23.39
C VAL A 71 -5.53 3.32 -24.24
N LEU A 72 -6.14 2.24 -23.75
CA LEU A 72 -6.06 0.91 -24.41
C LEU A 72 -7.40 0.19 -24.27
N ARG A 73 -7.74 -0.60 -25.29
CA ARG A 73 -8.92 -1.43 -25.31
C ARG A 73 -8.54 -2.77 -25.94
N THR A 74 -9.02 -3.85 -25.32
CA THR A 74 -8.80 -5.20 -25.82
C THR A 74 -9.88 -6.09 -25.22
N LYS A 75 -10.10 -7.27 -25.80
CA LYS A 75 -11.08 -8.20 -25.24
C LYS A 75 -10.66 -8.63 -23.81
N ALA A 76 -11.63 -8.70 -22.89
CA ALA A 76 -11.33 -9.06 -21.49
C ALA A 76 -10.96 -10.53 -21.43
N PRO A 77 -9.86 -10.87 -20.71
CA PRO A 77 -9.59 -12.26 -20.32
C PRO A 77 -10.68 -12.81 -19.37
N GLU A 78 -10.75 -14.14 -19.27
CA GLU A 78 -11.74 -14.81 -18.40
CA GLU A 78 -11.75 -14.78 -18.40
C GLU A 78 -11.35 -14.66 -16.94
N LYS A 79 -10.07 -14.90 -16.64
CA LYS A 79 -9.53 -14.85 -15.27
C LYS A 79 -8.44 -13.77 -15.20
N VAL A 80 -8.57 -12.83 -14.26
CA VAL A 80 -7.63 -11.70 -14.15
C VAL A 80 -7.20 -11.53 -12.68
N LEU A 81 -5.88 -11.28 -12.52
CA LEU A 81 -5.34 -10.77 -11.25
C LEU A 81 -5.61 -9.26 -11.17
N VAL A 82 -6.50 -8.88 -10.25
CA VAL A 82 -6.86 -7.46 -10.09
CA VAL A 82 -7.01 -7.53 -10.00
C VAL A 82 -6.28 -6.95 -8.79
N ASN A 83 -6.06 -5.63 -8.79
CA ASN A 83 -5.34 -4.93 -7.70
C ASN A 83 -6.09 -3.67 -7.25
N ASN A 84 -6.41 -3.60 -5.95
CA ASN A 84 -6.95 -2.38 -5.35
C ASN A 84 -5.84 -1.32 -5.26
N TRP A 85 -6.23 -0.04 -5.37
CA TRP A 85 -5.24 1.03 -5.35
C TRP A 85 -4.45 1.12 -4.05
N GLN A 86 -4.97 0.65 -2.90
CA GLN A 86 -4.30 0.98 -1.63
C GLN A 86 -3.90 -0.26 -0.83
N SER A 87 -3.09 -0.05 0.20
CA SER A 87 -2.51 -1.05 1.07
C SER A 87 -3.49 -2.19 1.39
N TRP A 88 -4.66 -1.84 1.94
CA TRP A 88 -5.52 -2.82 2.58
C TRP A 88 -6.40 -3.58 1.57
N GLY A 89 -6.54 -3.09 0.34
CA GLY A 89 -7.48 -3.68 -0.59
C GLY A 89 -6.88 -4.90 -1.28
N PRO A 90 -7.75 -5.79 -1.78
CA PRO A 90 -7.27 -7.06 -2.28
C PRO A 90 -6.46 -6.97 -3.57
N CYS A 91 -5.49 -7.89 -3.66
CA CYS A 91 -4.88 -8.30 -4.89
C CYS A 91 -5.17 -9.79 -5.06
N ARG A 92 -6.00 -10.12 -6.05
CA ARG A 92 -6.59 -11.47 -6.11
C ARG A 92 -7.05 -11.75 -7.55
N VAL A 93 -7.21 -13.05 -7.83
CA VAL A 93 -7.72 -13.51 -9.12
C VAL A 93 -9.26 -13.53 -9.05
N VAL A 94 -9.90 -12.96 -10.08
CA VAL A 94 -11.34 -12.81 -10.22
CA VAL A 94 -11.34 -12.99 -10.16
C VAL A 94 -11.77 -13.41 -11.56
N ASP A 95 -12.97 -13.99 -11.60
CA ASP A 95 -13.65 -14.36 -12.83
C ASP A 95 -14.35 -13.13 -13.40
N ALA A 96 -13.83 -12.60 -14.52
CA ALA A 96 -14.27 -11.32 -15.08
C ALA A 96 -15.71 -11.41 -15.62
N PHE A 97 -16.12 -12.61 -16.03
CA PHE A 97 -17.42 -12.81 -16.71
C PHE A 97 -18.56 -12.77 -15.68
N SER A 98 -18.31 -13.32 -14.49
CA SER A 98 -19.35 -13.54 -13.48
C SER A 98 -19.29 -12.47 -12.38
N PHE A 99 -18.50 -11.41 -12.61
CA PHE A 99 -18.38 -10.28 -11.69
C PHE A 99 -19.76 -9.67 -11.40
N LYS A 100 -20.01 -9.44 -10.10
CA LYS A 100 -21.11 -8.60 -9.66
C LYS A 100 -20.57 -7.44 -8.83
N PRO A 101 -21.05 -6.20 -9.04
CA PRO A 101 -20.62 -5.06 -8.24
C PRO A 101 -20.78 -5.30 -6.75
N PRO A 102 -19.80 -4.93 -5.91
CA PRO A 102 -19.97 -4.93 -4.46
C PRO A 102 -20.93 -3.81 -4.01
N GLU A 103 -21.57 -4.02 -2.86
CA GLU A 103 -22.15 -2.93 -2.06
C GLU A 103 -21.03 -2.12 -1.43
N ILE A 104 -20.89 -0.86 -1.80
CA ILE A 104 -19.82 -0.04 -1.25
CA ILE A 104 -19.83 -0.06 -1.24
C ILE A 104 -20.34 0.65 0.03
N ASP A 105 -19.62 0.40 1.12
CA ASP A 105 -19.90 0.93 2.45
C ASP A 105 -19.68 2.44 2.43
N PRO A 106 -20.73 3.25 2.69
CA PRO A 106 -20.60 4.70 2.53
C PRO A 106 -19.61 5.31 3.54
N ASN A 107 -19.19 4.55 4.55
CA ASN A 107 -18.20 5.04 5.49
C ASN A 107 -16.75 4.80 5.03
N TRP A 108 -16.56 3.99 3.98
CA TRP A 108 -15.23 3.55 3.49
C TRP A 108 -15.20 3.53 1.96
N ARG A 109 -15.97 4.40 1.32
CA ARG A 109 -16.15 4.35 -0.13
C ARG A 109 -14.80 4.47 -0.86
N TYR A 110 -13.88 5.29 -0.34
CA TYR A 110 -12.68 5.63 -1.10
C TYR A 110 -11.55 4.63 -0.89
N THR A 111 -11.60 3.80 0.15
CA THR A 111 -10.70 2.65 0.18
C THR A 111 -11.07 1.64 -0.92
N ALA A 112 -12.36 1.56 -1.27
CA ALA A 112 -12.78 0.63 -2.27
C ALA A 112 -12.37 1.14 -3.66
N SER A 113 -12.49 2.45 -3.89
CA SER A 113 -12.15 3.02 -5.21
C SER A 113 -12.07 4.55 -5.12
N VAL A 114 -11.12 5.14 -5.86
CA VAL A 114 -11.03 6.59 -6.05
C VAL A 114 -11.96 7.05 -7.18
N VAL A 115 -12.52 6.10 -7.92
CA VAL A 115 -13.53 6.33 -8.96
C VAL A 115 -14.72 5.42 -8.71
N PRO A 116 -15.42 5.58 -7.57
CA PRO A 116 -16.42 4.61 -7.15
C PRO A 116 -17.58 4.42 -8.14
N ASP A 117 -17.76 5.37 -9.08
CA ASP A 117 -18.77 5.20 -10.16
C ASP A 117 -18.45 3.98 -11.04
N VAL A 118 -17.16 3.62 -11.13
CA VAL A 118 -16.73 2.49 -11.90
C VAL A 118 -17.06 1.21 -11.11
N LEU A 119 -16.56 1.13 -9.88
CA LEU A 119 -16.68 -0.07 -9.08
C LEU A 119 -18.15 -0.44 -8.80
N GLU A 120 -19.04 0.56 -8.76
CA GLU A 120 -20.45 0.24 -8.45
C GLU A 120 -21.14 -0.40 -9.67
N ARG A 121 -20.45 -0.47 -10.82
CA ARG A 121 -21.03 -0.98 -12.09
C ARG A 121 -20.18 -2.13 -12.66
N ASN A 122 -18.85 -2.00 -12.59
CA ASN A 122 -17.96 -2.83 -13.39
C ASN A 122 -16.72 -3.24 -12.59
N LEU A 123 -16.10 -4.35 -12.99
CA LEU A 123 -14.84 -4.80 -12.40
CA LEU A 123 -14.82 -4.82 -12.42
C LEU A 123 -13.76 -3.73 -12.64
N GLN A 124 -13.06 -3.37 -11.57
CA GLN A 124 -12.02 -2.34 -11.57
C GLN A 124 -10.69 -2.96 -11.11
N SER A 125 -9.58 -2.59 -11.76
CA SER A 125 -8.24 -2.90 -11.27
C SER A 125 -7.41 -1.62 -11.36
N ASP A 126 -6.66 -1.32 -10.29
CA ASP A 126 -5.89 -0.08 -10.23
C ASP A 126 -4.43 -0.40 -10.57
N TYR A 127 -3.80 0.47 -11.39
CA TYR A 127 -2.37 0.47 -11.72
C TYR A 127 -1.95 -0.63 -12.70
N PHE A 128 -2.33 -1.89 -12.42
CA PHE A 128 -1.99 -3.02 -13.30
C PHE A 128 -3.11 -4.05 -13.26
N VAL A 129 -3.08 -4.96 -14.22
CA VAL A 129 -3.92 -6.14 -14.24
C VAL A 129 -3.12 -7.22 -14.96
N ALA A 130 -3.34 -8.48 -14.56
CA ALA A 130 -2.62 -9.56 -15.21
C ALA A 130 -3.55 -10.71 -15.56
N GLU A 131 -3.14 -11.46 -16.59
CA GLU A 131 -3.72 -12.78 -16.88
C GLU A 131 -2.56 -13.74 -17.07
N GLU A 132 -2.85 -15.04 -17.20
CA GLU A 132 -1.78 -15.96 -17.52
C GLU A 132 -1.06 -15.49 -18.79
N GLY A 133 0.25 -15.27 -18.67
CA GLY A 133 1.10 -14.91 -19.79
C GLY A 133 1.16 -13.43 -20.16
N LYS A 134 0.40 -12.54 -19.48
CA LYS A 134 0.32 -11.13 -19.93
CA LYS A 134 0.32 -11.13 -19.92
C LYS A 134 0.11 -10.20 -18.72
N VAL A 135 0.88 -9.09 -18.72
CA VAL A 135 0.71 -8.00 -17.73
C VAL A 135 0.47 -6.68 -18.48
N TYR A 136 -0.58 -5.97 -18.07
CA TYR A 136 -0.81 -4.60 -18.48
C TYR A 136 -0.57 -3.72 -17.25
N GLY A 137 0.33 -2.74 -17.33
CA GLY A 137 0.67 -2.00 -16.13
C GLY A 137 1.16 -0.60 -16.43
N PHE A 138 0.63 0.36 -15.67
CA PHE A 138 1.12 1.74 -15.74
C PHE A 138 2.34 1.88 -14.83
N LEU A 139 3.30 2.70 -15.29
CA LEU A 139 4.60 2.79 -14.57
C LEU A 139 4.59 3.86 -13.48
N SER A 140 3.57 4.71 -13.46
CA SER A 140 3.52 5.83 -12.50
C SER A 140 2.07 6.26 -12.28
N SER A 141 1.87 7.01 -11.19
CA SER A 141 0.66 7.76 -10.94
C SER A 141 1.08 9.08 -10.30
N LYS A 142 1.48 10.05 -11.14
CA LYS A 142 1.99 11.37 -10.69
C LYS A 142 0.89 12.43 -10.82
N ILE A 143 0.09 12.36 -11.88
CA ILE A 143 -0.96 13.32 -12.15
C ILE A 143 -2.33 12.62 -12.23
N ALA A 144 -2.42 11.63 -13.14
CA ALA A 144 -3.66 10.89 -13.31
C ALA A 144 -3.70 9.65 -12.41
N HIS A 145 -4.91 9.16 -12.14
CA HIS A 145 -5.11 7.85 -11.56
C HIS A 145 -5.26 6.84 -12.70
N PRO A 146 -4.34 5.85 -12.84
CA PRO A 146 -4.45 4.84 -13.89
C PRO A 146 -5.20 3.60 -13.41
N PHE A 147 -6.18 3.19 -14.22
CA PHE A 147 -6.96 2.02 -13.84
C PHE A 147 -7.48 1.32 -15.08
N PHE A 148 -8.05 0.15 -14.82
CA PHE A 148 -8.67 -0.73 -15.83
C PHE A 148 -10.11 -1.01 -15.40
N ALA A 149 -11.01 -1.10 -16.39
CA ALA A 149 -12.37 -1.57 -16.14
C ALA A 149 -12.72 -2.65 -17.15
N VAL A 150 -13.56 -3.60 -16.75
CA VAL A 150 -14.20 -4.51 -17.72
C VAL A 150 -15.61 -4.01 -18.02
N GLU A 151 -15.75 -3.50 -19.25
CA GLU A 151 -16.91 -2.74 -19.72
C GLU A 151 -17.51 -3.52 -20.91
N ASP A 152 -18.69 -4.11 -20.70
CA ASP A 152 -19.36 -4.96 -21.70
C ASP A 152 -18.37 -5.92 -22.37
N GLY A 153 -17.61 -6.68 -21.55
CA GLY A 153 -16.71 -7.75 -22.03
C GLY A 153 -15.38 -7.25 -22.62
N GLU A 154 -15.11 -5.95 -22.55
CA GLU A 154 -13.81 -5.41 -23.01
C GLU A 154 -13.01 -4.90 -21.81
N LEU A 155 -11.69 -5.15 -21.83
CA LEU A 155 -10.75 -4.56 -20.86
C LEU A 155 -10.30 -3.19 -21.39
N VAL A 156 -10.56 -2.13 -20.61
CA VAL A 156 -10.27 -0.79 -21.01
C VAL A 156 -9.33 -0.15 -19.98
N ALA A 157 -8.21 0.38 -20.45
CA ALA A 157 -7.26 1.13 -19.60
C ALA A 157 -7.54 2.62 -19.74
N TYR A 158 -7.64 3.27 -18.58
CA TYR A 158 -7.99 4.70 -18.44
C TYR A 158 -6.93 5.42 -17.61
N LEU A 159 -6.74 6.70 -17.96
CA LEU A 159 -6.11 7.69 -17.08
C LEU A 159 -7.16 8.72 -16.65
N GLU A 160 -7.43 8.78 -15.34
CA GLU A 160 -8.43 9.69 -14.79
C GLU A 160 -7.77 10.99 -14.33
N TYR A 161 -8.19 12.12 -14.94
CA TYR A 161 -7.63 13.44 -14.63
C TYR A 161 -8.58 14.29 -13.75
N PHE A 162 -9.74 13.76 -13.32
CA PHE A 162 -10.59 14.42 -12.32
C PHE A 162 -10.98 15.84 -12.76
N ASP A 163 -11.27 15.98 -14.05
CA ASP A 163 -11.80 17.23 -14.63
C ASP A 163 -10.80 18.39 -14.57
N VAL A 164 -9.52 18.11 -14.31
CA VAL A 164 -8.48 19.16 -14.33
C VAL A 164 -8.08 19.48 -15.77
N GLU A 165 -7.87 20.78 -16.03
CA GLU A 165 -7.44 21.32 -17.33
C GLU A 165 -5.94 21.66 -17.27
N PHE A 166 -5.24 21.37 -18.38
CA PHE A 166 -3.81 21.61 -18.52
C PHE A 166 -3.57 22.53 -19.72
N ASP A 167 -3.14 23.75 -19.44
CA ASP A 167 -2.87 24.75 -20.48
C ASP A 167 -1.71 24.29 -21.37
N ASP A 168 -0.70 23.68 -20.76
CA ASP A 168 0.47 23.16 -21.48
C ASP A 168 0.57 21.64 -21.28
N PHE A 169 1.35 20.98 -22.15
CA PHE A 169 1.51 19.53 -22.10
C PHE A 169 2.06 19.11 -20.73
N VAL A 170 1.52 17.99 -20.23
CA VAL A 170 2.07 17.23 -19.12
C VAL A 170 2.32 15.81 -19.58
N PRO A 171 3.26 15.08 -18.96
CA PRO A 171 3.51 13.70 -19.36
C PRO A 171 2.33 12.76 -19.04
N LEU A 172 2.02 11.86 -19.99
CA LEU A 172 1.20 10.66 -19.70
C LEU A 172 1.91 9.81 -18.64
N GLU A 173 1.12 9.07 -17.85
CA GLU A 173 1.67 7.94 -17.10
C GLU A 173 1.91 6.82 -18.11
N PRO A 174 3.17 6.36 -18.28
CA PRO A 174 3.44 5.32 -19.28
C PRO A 174 2.72 4.00 -18.99
N LEU A 175 2.34 3.31 -20.06
CA LEU A 175 1.68 1.98 -19.98
C LEU A 175 2.57 0.95 -20.68
N VAL A 176 2.84 -0.16 -20.00
CA VAL A 176 3.51 -1.29 -20.63
C VAL A 176 2.54 -2.48 -20.77
N VAL A 177 2.75 -3.23 -21.87
CA VAL A 177 2.03 -4.47 -22.18
C VAL A 177 3.09 -5.55 -22.41
N LEU A 178 3.19 -6.48 -21.46
CA LEU A 178 4.29 -7.46 -21.45
C LEU A 178 3.70 -8.86 -21.63
N GLU A 179 4.43 -9.72 -22.36
CA GLU A 179 3.97 -11.10 -22.65
C GLU A 179 5.14 -12.06 -22.48
N ASP A 180 4.87 -13.18 -21.81
CA ASP A 180 5.81 -14.28 -21.62
C ASP A 180 5.04 -15.37 -20.89
N PRO A 181 5.35 -16.66 -21.09
CA PRO A 181 4.65 -17.69 -20.33
C PRO A 181 4.91 -17.64 -18.82
N ASN A 182 5.99 -16.99 -18.40
CA ASN A 182 6.31 -16.91 -16.96
C ASN A 182 5.67 -15.64 -16.37
N THR A 183 4.43 -15.74 -15.87
CA THR A 183 3.68 -14.56 -15.38
C THR A 183 4.40 -13.92 -14.20
N PRO A 184 4.95 -14.68 -13.23
CA PRO A 184 5.71 -14.06 -12.14
C PRO A 184 6.91 -13.24 -12.64
N LEU A 185 7.63 -13.75 -13.63
CA LEU A 185 8.73 -12.99 -14.24
C LEU A 185 8.23 -11.66 -14.82
N LEU A 186 7.05 -11.67 -15.44
CA LEU A 186 6.48 -10.44 -15.99
C LEU A 186 6.17 -9.43 -14.88
N LEU A 187 5.54 -9.89 -13.79
CA LEU A 187 5.17 -8.98 -12.73
C LEU A 187 6.44 -8.37 -12.12
N GLU A 188 7.49 -9.17 -11.94
CA GLU A 188 8.77 -8.70 -11.44
C GLU A 188 9.37 -7.65 -12.38
N LYS A 189 9.30 -7.91 -13.70
N LYS A 189 9.27 -7.89 -13.70
CA LYS A 189 9.80 -6.98 -14.70
CA LYS A 189 9.83 -6.95 -14.67
C LYS A 189 9.03 -5.65 -14.60
C LYS A 189 9.03 -5.64 -14.65
N TYR A 190 7.70 -5.74 -14.63
CA TYR A 190 6.83 -4.60 -14.47
C TYR A 190 7.31 -3.73 -13.27
N ALA A 191 7.50 -4.39 -12.12
CA ALA A 191 7.86 -3.69 -10.91
C ALA A 191 9.26 -3.07 -11.00
N GLU A 192 10.19 -3.71 -11.71
CA GLU A 192 11.51 -3.12 -11.94
CA GLU A 192 11.52 -3.15 -11.99
C GLU A 192 11.36 -1.83 -12.76
N LEU A 193 10.45 -1.83 -13.75
CA LEU A 193 10.26 -0.65 -14.57
C LEU A 193 9.58 0.47 -13.76
N VAL A 194 8.63 0.13 -12.89
CA VAL A 194 8.03 1.08 -11.96
C VAL A 194 9.13 1.70 -11.08
N GLY A 195 10.02 0.88 -10.54
CA GLY A 195 11.06 1.37 -9.64
C GLY A 195 11.98 2.37 -10.33
N MET A 196 12.32 2.11 -11.59
CA MET A 196 13.19 3.01 -12.36
CA MET A 196 13.18 3.00 -12.38
C MET A 196 12.45 4.32 -12.67
N GLU A 197 11.17 4.23 -13.07
CA GLU A 197 10.38 5.40 -13.46
C GLU A 197 10.25 6.37 -12.29
N ASN A 198 10.24 5.85 -11.05
CA ASN A 198 9.89 6.62 -9.86
C ASN A 198 11.05 6.79 -8.85
N ASN A 199 12.26 6.36 -9.22
N ASN A 199 12.26 6.36 -9.20
CA ASN A 199 13.44 6.41 -8.33
CA ASN A 199 13.42 6.47 -8.27
C ASN A 199 13.08 5.80 -6.96
C ASN A 199 13.06 5.80 -6.93
N ALA A 200 12.56 4.56 -6.98
CA ALA A 200 12.12 3.86 -5.76
C ALA A 200 13.25 3.86 -4.72
N ARG A 201 12.87 3.99 -3.45
CA ARG A 201 13.77 3.75 -2.33
C ARG A 201 13.73 2.27 -1.94
N VAL A 202 14.88 1.60 -2.05
CA VAL A 202 15.03 0.25 -1.59
C VAL A 202 16.16 0.21 -0.59
N PRO A 203 15.84 0.35 0.71
CA PRO A 203 16.85 0.36 1.77
C PRO A 203 17.72 -0.91 1.72
N LYS A 204 19.02 -0.74 2.00
CA LYS A 204 19.98 -1.83 2.08
C LYS A 204 19.80 -2.59 3.41
N HIS A 205 19.20 -1.93 4.39
CA HIS A 205 18.92 -2.55 5.67
C HIS A 205 17.42 -2.59 5.93
N THR A 206 16.93 -3.72 6.42
CA THR A 206 15.56 -3.78 6.85
C THR A 206 15.49 -3.74 8.37
N PRO A 207 14.76 -2.76 8.95
CA PRO A 207 14.59 -2.70 10.40
C PRO A 207 13.84 -3.94 10.92
N THR A 208 14.26 -4.40 12.09
CA THR A 208 13.43 -5.19 12.96
C THR A 208 12.83 -4.31 14.06
N GLY A 209 11.76 -4.78 14.71
CA GLY A 209 11.23 -4.04 15.83
C GLY A 209 9.91 -4.56 16.35
N TRP A 210 9.31 -3.74 17.21
CA TRP A 210 8.13 -3.98 17.97
C TRP A 210 7.10 -2.89 17.66
N CYS A 211 5.82 -3.28 17.62
CA CYS A 211 4.66 -2.39 17.40
C CYS A 211 3.62 -2.74 18.48
N SER A 212 2.93 -1.74 19.03
CA SER A 212 1.96 -1.95 20.12
C SER A 212 0.59 -2.50 19.66
N TRP A 213 0.22 -2.30 18.39
CA TRP A 213 -1.19 -2.27 17.99
C TRP A 213 -1.88 -3.65 18.21
N TYR A 214 -1.26 -4.73 17.72
CA TYR A 214 -1.98 -6.01 17.58
C TYR A 214 -2.02 -6.79 18.91
N HIS A 215 -1.50 -6.25 20.01
CA HIS A 215 -1.84 -6.73 21.33
C HIS A 215 -2.78 -5.77 22.04
N TYR A 216 -2.38 -4.49 22.11
CA TYR A 216 -3.02 -3.51 23.03
C TYR A 216 -4.17 -2.75 22.34
N PHE A 217 -4.10 -2.59 21.01
CA PHE A 217 -5.07 -1.77 20.30
C PHE A 217 -5.13 -0.38 20.98
N LEU A 218 -6.31 0.21 21.03
CA LEU A 218 -6.45 1.56 21.58
C LEU A 218 -6.29 1.61 23.11
N ASP A 219 -6.12 0.44 23.74
CA ASP A 219 -6.13 0.35 25.19
C ASP A 219 -4.70 0.36 25.74
N LEU A 220 -3.69 0.56 24.87
CA LEU A 220 -2.32 0.71 25.32
C LEU A 220 -2.25 1.76 26.43
N THR A 221 -1.47 1.45 27.47
CA THR A 221 -1.07 2.44 28.48
C THR A 221 0.46 2.62 28.46
N TRP A 222 0.93 3.75 28.99
CA TRP A 222 2.35 3.93 29.08
C TRP A 222 2.95 2.92 30.05
N GLU A 223 2.23 2.61 31.13
CA GLU A 223 2.68 1.57 32.08
C GLU A 223 3.04 0.28 31.33
N GLU A 224 2.14 -0.18 30.45
CA GLU A 224 2.38 -1.41 29.70
C GLU A 224 3.49 -1.21 28.66
N THR A 225 3.58 0.00 28.09
CA THR A 225 4.63 0.29 27.15
C THR A 225 5.99 0.12 27.81
N LEU A 226 6.13 0.69 29.02
CA LEU A 226 7.40 0.64 29.75
C LEU A 226 7.79 -0.82 30.06
N LYS A 227 6.81 -1.63 30.46
CA LYS A 227 7.04 -3.06 30.72
C LYS A 227 7.65 -3.75 29.49
N ASN A 228 7.10 -3.45 28.31
CA ASN A 228 7.55 -4.03 27.06
C ASN A 228 8.93 -3.47 26.66
N LEU A 229 9.17 -2.18 26.96
CA LEU A 229 10.42 -1.56 26.60
C LEU A 229 11.57 -2.28 27.33
N LYS A 230 11.35 -2.64 28.60
CA LYS A 230 12.37 -3.37 29.37
C LYS A 230 12.55 -4.78 28.79
N LEU A 231 11.44 -5.47 28.51
CA LEU A 231 11.53 -6.84 28.02
C LEU A 231 12.17 -6.89 26.61
N ALA A 232 12.00 -5.83 25.82
CA ALA A 232 12.44 -5.78 24.42
C ALA A 232 13.96 -5.94 24.29
N LYS A 233 14.69 -5.66 25.38
CA LYS A 233 16.14 -5.84 25.41
C LYS A 233 16.53 -7.32 25.25
N ASN A 234 15.56 -8.24 25.43
CA ASN A 234 15.82 -9.69 25.34
C ASN A 234 15.45 -10.23 23.94
N PHE A 235 15.03 -9.33 23.05
CA PHE A 235 14.53 -9.67 21.71
C PHE A 235 15.36 -8.93 20.66
N PRO A 236 15.44 -9.43 19.41
CA PRO A 236 16.28 -8.81 18.39
C PRO A 236 15.56 -7.65 17.69
N PHE A 237 15.17 -6.65 18.48
CA PHE A 237 14.42 -5.52 17.98
C PHE A 237 15.31 -4.27 17.91
N GLU A 238 15.22 -3.54 16.79
CA GLU A 238 15.92 -2.26 16.62
C GLU A 238 14.97 -1.09 16.90
N VAL A 239 13.78 -1.15 16.30
CA VAL A 239 12.77 -0.09 16.39
C VAL A 239 11.76 -0.45 17.48
N PHE A 240 11.31 0.57 18.22
CA PHE A 240 10.23 0.38 19.20
C PHE A 240 9.16 1.43 18.91
N GLN A 241 8.04 0.99 18.30
CA GLN A 241 7.07 1.87 17.65
C GLN A 241 5.75 1.89 18.44
N ILE A 242 5.35 3.10 18.85
CA ILE A 242 4.06 3.34 19.47
C ILE A 242 2.99 3.55 18.41
N ASP A 243 1.92 2.75 18.49
CA ASP A 243 0.84 2.85 17.53
C ASP A 243 -0.26 3.75 18.08
N ASP A 244 -1.39 3.78 17.36
CA ASP A 244 -2.59 4.52 17.74
C ASP A 244 -3.00 4.16 19.18
N ALA A 245 -3.16 5.19 20.04
CA ALA A 245 -3.58 5.07 21.45
C ALA A 245 -3.15 6.32 22.22
N TYR A 246 -1.98 6.88 21.86
CA TYR A 246 -1.30 7.90 22.70
C TYR A 246 -1.95 9.28 22.52
N GLU A 247 -2.57 9.53 21.36
CA GLU A 247 -2.95 10.87 20.95
C GLU A 247 -4.36 11.19 21.43
N LYS A 248 -4.64 12.45 21.72
CA LYS A 248 -5.96 12.77 22.26
CA LYS A 248 -5.96 12.83 22.24
C LYS A 248 -7.01 12.80 21.15
N ASP A 249 -6.62 13.10 19.90
CA ASP A 249 -7.58 13.09 18.79
C ASP A 249 -6.82 13.02 17.46
N ILE A 250 -7.56 12.58 16.44
CA ILE A 250 -7.03 12.46 15.09
C ILE A 250 -6.81 13.85 14.50
N GLY A 251 -5.52 14.17 14.30
CA GLY A 251 -5.11 15.49 13.88
C GLY A 251 -4.30 16.21 14.95
N ASP A 252 -4.53 15.84 16.22
CA ASP A 252 -3.86 16.51 17.35
C ASP A 252 -2.68 15.66 17.84
N TRP A 253 -1.67 15.51 16.97
CA TRP A 253 -0.61 14.50 17.10
C TRP A 253 0.37 14.81 18.22
N LEU A 254 0.46 16.09 18.65
CA LEU A 254 1.40 16.43 19.72
C LEU A 254 0.70 16.61 21.07
N VAL A 255 -0.57 16.22 21.17
CA VAL A 255 -1.33 16.23 22.44
C VAL A 255 -1.59 14.79 22.84
N THR A 256 -1.11 14.40 24.03
CA THR A 256 -1.31 13.04 24.49
C THR A 256 -2.44 12.97 25.51
N ARG A 257 -2.80 11.75 25.88
CA ARG A 257 -3.91 11.47 26.75
C ARG A 257 -3.51 10.39 27.77
N GLY A 258 -4.38 10.16 28.75
CA GLY A 258 -4.20 9.09 29.75
C GLY A 258 -2.93 9.25 30.57
N ASP A 259 -2.19 8.15 30.73
CA ASP A 259 -0.96 8.10 31.51
C ASP A 259 0.28 8.33 30.62
N PHE A 260 0.08 8.68 29.33
CA PHE A 260 1.20 8.95 28.47
C PHE A 260 1.88 10.24 28.92
N PRO A 261 3.23 10.33 28.83
CA PRO A 261 3.90 11.62 28.91
C PRO A 261 3.79 12.37 27.57
N SER A 262 4.59 13.41 27.36
CA SER A 262 4.54 14.13 26.11
C SER A 262 5.12 13.27 24.99
N VAL A 263 4.81 13.63 23.73
CA VAL A 263 5.37 12.92 22.60
C VAL A 263 6.91 13.02 22.63
N GLU A 264 7.43 14.20 23.02
CA GLU A 264 8.86 14.38 23.14
C GLU A 264 9.43 13.48 24.24
N GLU A 265 8.77 13.43 25.40
CA GLU A 265 9.21 12.61 26.54
C GLU A 265 9.21 11.12 26.16
N MET A 266 8.20 10.65 25.39
CA MET A 266 8.13 9.26 24.97
CA MET A 266 8.13 9.26 24.97
C MET A 266 9.39 8.90 24.17
N ALA A 267 9.77 9.77 23.22
CA ALA A 267 10.94 9.49 22.41
C ALA A 267 12.19 9.37 23.30
N LYS A 268 12.32 10.29 24.28
CA LYS A 268 13.47 10.30 25.17
C LYS A 268 13.56 8.98 25.96
N VAL A 269 12.43 8.48 26.50
CA VAL A 269 12.39 7.23 27.29
C VAL A 269 12.82 6.06 26.38
N ILE A 270 12.31 6.04 25.12
CA ILE A 270 12.58 4.92 24.22
C ILE A 270 14.08 4.93 23.86
N ALA A 271 14.61 6.12 23.59
CA ALA A 271 16.02 6.26 23.23
C ALA A 271 16.91 5.91 24.41
N GLU A 272 16.56 6.37 25.62
CA GLU A 272 17.32 6.08 26.85
C GLU A 272 17.47 4.55 27.01
N ASN A 273 16.46 3.80 26.55
CA ASN A 273 16.39 2.35 26.71
C ASN A 273 17.04 1.64 25.51
N GLY A 274 17.55 2.41 24.54
CA GLY A 274 18.47 1.91 23.52
C GLY A 274 17.77 1.43 22.25
N PHE A 275 16.59 1.96 21.97
CA PHE A 275 15.89 1.64 20.72
C PHE A 275 15.71 2.87 19.85
N ILE A 276 15.45 2.61 18.55
CA ILE A 276 15.08 3.67 17.63
C ILE A 276 13.62 4.00 17.89
N PRO A 277 13.25 5.26 18.23
CA PRO A 277 11.84 5.54 18.51
C PRO A 277 11.02 5.60 17.21
N GLY A 278 9.87 4.94 17.23
CA GLY A 278 8.91 4.95 16.13
C GLY A 278 7.54 5.41 16.59
N ILE A 279 6.77 6.02 15.67
CA ILE A 279 5.47 6.53 16.02
C ILE A 279 4.52 6.45 14.81
N TRP A 280 3.26 6.12 15.13
CA TRP A 280 2.13 6.12 14.21
C TRP A 280 1.44 7.50 14.19
N THR A 281 1.08 7.95 13.00
CA THR A 281 0.17 9.09 12.76
C THR A 281 -0.75 8.73 11.58
N ALA A 282 -1.85 9.49 11.43
CA ALA A 282 -2.74 9.50 10.24
C ALA A 282 -2.74 10.92 9.67
N PRO A 283 -1.65 11.32 8.98
CA PRO A 283 -1.31 12.75 8.93
C PRO A 283 -2.17 13.56 7.96
N PHE A 284 -2.89 12.91 7.05
CA PHE A 284 -3.79 13.60 6.15
C PHE A 284 -5.23 13.63 6.68
N SER A 285 -5.42 13.18 7.93
CA SER A 285 -6.74 13.02 8.52
C SER A 285 -6.95 13.98 9.68
N VAL A 286 -8.10 14.62 9.74
CA VAL A 286 -8.46 15.41 10.92
C VAL A 286 -9.91 15.07 11.27
N SER A 287 -10.16 14.74 12.54
CA SER A 287 -11.52 14.36 12.94
C SER A 287 -12.37 15.63 13.14
N GLU A 288 -13.69 15.43 13.12
CA GLU A 288 -14.67 16.48 13.36
C GLU A 288 -14.51 17.09 14.76
N THR A 289 -13.94 16.34 15.72
CA THR A 289 -13.80 16.85 17.09
C THR A 289 -12.41 17.45 17.39
N SER A 290 -11.46 17.32 16.45
CA SER A 290 -10.07 17.69 16.71
C SER A 290 -9.89 19.20 16.89
N ASP A 291 -8.86 19.56 17.68
CA ASP A 291 -8.46 20.97 17.81
C ASP A 291 -8.08 21.55 16.43
N VAL A 292 -7.33 20.79 15.64
CA VAL A 292 -6.83 21.34 14.40
C VAL A 292 -7.99 21.65 13.45
N PHE A 293 -8.98 20.75 13.35
CA PHE A 293 -10.13 21.00 12.48
C PHE A 293 -10.94 22.20 12.99
N ASN A 294 -11.19 22.26 14.29
CA ASN A 294 -12.02 23.31 14.90
CA ASN A 294 -12.07 23.32 14.79
C ASN A 294 -11.35 24.68 14.73
N GLU A 295 -10.02 24.70 14.73
CA GLU A 295 -9.25 25.93 14.54
CA GLU A 295 -9.24 25.93 14.54
C GLU A 295 -9.18 26.34 13.07
N HIS A 296 -9.18 25.36 12.15
CA HIS A 296 -8.84 25.58 10.71
C HIS A 296 -9.85 24.88 9.80
N PRO A 297 -11.12 25.32 9.83
CA PRO A 297 -12.19 24.64 9.08
C PRO A 297 -12.05 24.73 7.55
N ASP A 298 -11.20 25.65 7.08
CA ASP A 298 -11.03 25.77 5.61
CA ASP A 298 -10.88 25.94 5.67
C ASP A 298 -9.77 25.02 5.16
N TRP A 299 -9.19 24.20 6.05
CA TRP A 299 -7.99 23.39 5.66
C TRP A 299 -8.35 22.06 4.98
N VAL A 300 -9.64 21.75 4.82
CA VAL A 300 -10.05 20.39 4.41
C VAL A 300 -10.62 20.41 2.98
N VAL A 301 -10.63 19.22 2.37
CA VAL A 301 -11.27 18.95 1.09
C VAL A 301 -12.78 19.13 1.25
N LYS A 302 -13.45 19.72 0.24
CA LYS A 302 -14.83 20.13 0.38
C LYS A 302 -15.75 19.50 -0.69
N GLU A 303 -17.05 19.56 -0.40
CA GLU A 303 -18.15 19.15 -1.33
C GLU A 303 -19.27 20.19 -1.18
N ASN A 304 -19.62 20.86 -2.29
CA ASN A 304 -20.58 21.99 -2.28
C ASN A 304 -20.14 23.04 -1.26
N GLY A 305 -18.81 23.20 -1.10
CA GLY A 305 -18.27 24.27 -0.32
C GLY A 305 -18.15 23.96 1.16
N GLU A 306 -18.53 22.75 1.59
CA GLU A 306 -18.51 22.38 2.99
C GLU A 306 -17.63 21.15 3.19
N PRO A 307 -17.14 20.90 4.42
CA PRO A 307 -16.23 19.77 4.65
C PRO A 307 -16.81 18.46 4.11
N LYS A 308 -15.96 17.71 3.39
CA LYS A 308 -16.37 16.43 2.82
C LYS A 308 -15.84 15.26 3.65
N MET A 309 -16.71 14.42 4.21
CA MET A 309 -16.21 13.27 4.95
C MET A 309 -15.34 12.40 4.04
N ALA A 310 -14.12 12.10 4.50
CA ALA A 310 -13.19 11.23 3.79
C ALA A 310 -13.44 9.75 4.13
N TYR A 311 -13.84 9.48 5.38
CA TYR A 311 -14.17 8.15 5.91
C TYR A 311 -14.70 8.35 7.33
N ARG A 312 -15.31 7.31 7.88
CA ARG A 312 -15.71 7.29 9.30
C ARG A 312 -14.88 6.22 10.02
N ASN A 313 -14.23 6.61 11.13
CA ASN A 313 -13.48 5.66 11.97
C ASN A 313 -13.35 6.29 13.36
N TRP A 314 -13.07 5.47 14.37
CA TRP A 314 -13.03 5.91 15.76
C TRP A 314 -14.39 6.52 16.15
N ASN A 315 -15.49 6.07 15.55
CA ASN A 315 -16.83 6.61 15.87
C ASN A 315 -16.88 8.13 15.66
N LYS A 316 -16.22 8.62 14.60
CA LYS A 316 -16.13 10.06 14.25
CA LYS A 316 -16.25 10.05 14.23
C LYS A 316 -16.14 10.23 12.71
N LYS A 317 -16.71 11.34 12.22
N LYS A 317 -16.75 11.31 12.21
CA LYS A 317 -16.46 11.75 10.83
CA LYS A 317 -16.46 11.79 10.84
C LYS A 317 -15.02 12.29 10.71
C LYS A 317 -15.00 12.24 10.76
N ILE A 318 -14.28 11.75 9.74
CA ILE A 318 -12.88 12.15 9.50
C ILE A 318 -12.82 12.91 8.18
N TYR A 319 -12.21 14.10 8.24
CA TYR A 319 -12.03 14.96 7.08
C TYR A 319 -10.60 14.82 6.55
N ALA A 320 -10.41 15.19 5.27
CA ALA A 320 -9.13 15.12 4.60
C ALA A 320 -8.50 16.51 4.51
N LEU A 321 -7.23 16.62 4.88
CA LEU A 321 -6.50 17.85 4.68
C LEU A 321 -6.38 18.11 3.16
N ASP A 322 -6.54 19.38 2.78
CA ASP A 322 -6.35 19.87 1.42
C ASP A 322 -4.85 20.16 1.21
N LEU A 323 -4.17 19.21 0.57
CA LEU A 323 -2.75 19.24 0.41
C LEU A 323 -2.32 20.18 -0.73
N SER A 324 -3.29 20.85 -1.36
CA SER A 324 -2.97 21.94 -2.31
C SER A 324 -2.65 23.24 -1.57
N LYS A 325 -3.02 23.36 -0.30
CA LYS A 325 -2.86 24.64 0.43
C LYS A 325 -1.49 24.73 1.09
N ASP A 326 -0.79 25.85 0.86
CA ASP A 326 0.50 26.06 1.47
C ASP A 326 0.42 26.04 3.01
N GLU A 327 -0.67 26.58 3.57
CA GLU A 327 -0.79 26.63 5.05
C GLU A 327 -0.79 25.20 5.63
N VAL A 328 -1.41 24.26 4.90
CA VAL A 328 -1.51 22.85 5.28
C VAL A 328 -0.14 22.16 5.16
N LEU A 329 0.55 22.41 4.04
CA LEU A 329 1.87 21.81 3.85
C LEU A 329 2.84 22.34 4.90
N ASN A 330 2.73 23.65 5.25
CA ASN A 330 3.59 24.19 6.30
C ASN A 330 3.33 23.51 7.67
N TRP A 331 2.05 23.28 7.99
CA TRP A 331 1.69 22.60 9.23
C TRP A 331 2.28 21.18 9.27
N LEU A 332 2.20 20.48 8.14
CA LEU A 332 2.74 19.12 8.05
C LEU A 332 4.27 19.12 8.21
N PHE A 333 4.91 20.09 7.54
CA PHE A 333 6.37 20.20 7.63
C PHE A 333 6.75 20.43 9.11
N ASP A 334 6.06 21.37 9.76
CA ASP A 334 6.38 21.72 11.14
CA ASP A 334 6.32 21.73 11.16
C ASP A 334 6.16 20.50 12.06
N LEU A 335 5.07 19.75 11.83
CA LEU A 335 4.75 18.57 12.67
C LEU A 335 5.89 17.54 12.57
N PHE A 336 6.23 17.16 11.33
CA PHE A 336 7.19 16.06 11.16
C PHE A 336 8.61 16.52 11.50
N SER A 337 8.93 17.80 11.25
CA SER A 337 10.24 18.28 11.66
CA SER A 337 10.20 18.40 11.67
CA SER A 337 10.20 18.41 11.68
C SER A 337 10.34 18.33 13.20
N SER A 338 9.25 18.67 13.89
CA SER A 338 9.26 18.62 15.33
CA SER A 338 9.18 18.61 15.36
C SER A 338 9.46 17.18 15.84
N LEU A 339 8.76 16.20 15.23
CA LEU A 339 8.94 14.78 15.63
C LEU A 339 10.39 14.35 15.39
N ARG A 340 10.99 14.78 14.27
CA ARG A 340 12.39 14.45 14.00
C ARG A 340 13.29 15.04 15.12
N LYS A 341 13.04 16.29 15.50
CA LYS A 341 13.87 16.94 16.52
C LYS A 341 13.80 16.18 17.85
N MET A 342 12.66 15.55 18.12
CA MET A 342 12.48 14.79 19.35
C MET A 342 13.27 13.46 19.35
N GLY A 343 13.66 12.99 18.16
CA GLY A 343 14.42 11.76 18.04
C GLY A 343 13.71 10.60 17.34
N TYR A 344 12.47 10.80 16.90
CA TYR A 344 11.81 9.72 16.11
C TYR A 344 12.53 9.57 14.79
N ARG A 345 12.77 8.30 14.38
CA ARG A 345 13.44 8.00 13.13
C ARG A 345 12.71 6.86 12.38
N TYR A 346 11.49 6.53 12.83
CA TYR A 346 10.67 5.51 12.14
C TYR A 346 9.22 6.02 12.22
N PHE A 347 8.60 6.21 11.06
CA PHE A 347 7.32 6.84 10.99
C PHE A 347 6.35 5.92 10.24
N LYS A 348 5.33 5.42 10.94
CA LYS A 348 4.19 4.72 10.29
C LYS A 348 3.14 5.78 9.98
N ILE A 349 2.98 6.12 8.71
CA ILE A 349 2.05 7.17 8.28
C ILE A 349 0.85 6.50 7.59
N ASP A 350 -0.33 6.69 8.18
CA ASP A 350 -1.47 5.79 7.94
C ASP A 350 -2.67 6.56 7.37
N PHE A 351 -3.65 5.82 6.85
CA PHE A 351 -4.86 6.37 6.26
C PHE A 351 -4.49 7.39 5.19
N LEU A 352 -3.45 7.09 4.43
CA LEU A 352 -2.95 8.09 3.49
C LEU A 352 -3.91 8.33 2.32
N PHE A 353 -4.78 7.34 2.02
CA PHE A 353 -5.79 7.52 0.97
C PHE A 353 -6.58 8.82 1.17
N ALA A 354 -6.76 9.25 2.43
CA ALA A 354 -7.58 10.43 2.72
C ALA A 354 -7.05 11.64 1.93
N GLY A 355 -5.73 11.74 1.77
CA GLY A 355 -5.10 12.87 1.08
C GLY A 355 -5.42 12.92 -0.41
N ALA A 356 -5.87 11.77 -0.95
CA ALA A 356 -6.15 11.60 -2.37
C ALA A 356 -7.64 11.45 -2.66
N VAL A 357 -8.56 11.81 -1.74
CA VAL A 357 -10.02 11.71 -1.96
CA VAL A 357 -9.96 11.61 -2.06
C VAL A 357 -10.41 12.64 -3.09
N PRO A 358 -11.33 12.28 -4.00
CA PRO A 358 -11.85 13.25 -4.96
C PRO A 358 -12.62 14.35 -4.21
N GLY A 359 -12.52 15.58 -4.69
CA GLY A 359 -13.30 16.65 -4.10
C GLY A 359 -12.72 18.00 -4.44
N GLU A 360 -13.25 19.02 -3.77
CA GLU A 360 -12.94 20.39 -4.04
C GLU A 360 -11.71 20.80 -3.21
N ARG A 361 -10.70 21.33 -3.90
CA ARG A 361 -9.45 21.81 -3.30
C ARG A 361 -9.19 23.27 -3.70
N LYS A 362 -8.37 23.94 -2.90
CA LYS A 362 -8.06 25.38 -3.14
C LYS A 362 -7.48 25.60 -4.55
N LYS A 363 -6.53 24.74 -4.93
CA LYS A 363 -5.93 24.78 -6.28
C LYS A 363 -6.60 23.73 -7.16
N ASN A 364 -6.72 24.03 -8.46
CA ASN A 364 -7.37 23.13 -9.39
C ASN A 364 -6.33 22.11 -9.87
N ILE A 365 -5.96 21.19 -8.97
CA ILE A 365 -5.01 20.12 -9.25
C ILE A 365 -5.71 18.79 -8.96
N THR A 366 -5.14 17.69 -9.46
CA THR A 366 -5.75 16.40 -9.21
C THR A 366 -5.55 16.01 -7.76
N PRO A 367 -6.38 15.08 -7.25
CA PRO A 367 -6.15 14.50 -5.92
C PRO A 367 -4.78 13.80 -5.80
N ILE A 368 -4.31 13.25 -6.92
CA ILE A 368 -3.02 12.56 -6.95
C ILE A 368 -1.87 13.58 -6.84
N GLN A 369 -1.98 14.69 -7.59
CA GLN A 369 -0.99 15.80 -7.46
C GLN A 369 -0.97 16.29 -6.00
N ALA A 370 -2.13 16.41 -5.38
CA ALA A 370 -2.19 16.93 -4.00
C ALA A 370 -1.52 15.93 -3.06
N PHE A 371 -1.93 14.65 -3.17
CA PHE A 371 -1.34 13.57 -2.38
C PHE A 371 0.19 13.64 -2.41
N ARG A 372 0.76 13.72 -3.62
CA ARG A 372 2.21 13.67 -3.75
C ARG A 372 2.87 14.88 -3.09
N LYS A 373 2.26 16.07 -3.17
CA LYS A 373 2.79 17.23 -2.47
C LYS A 373 2.86 16.94 -0.97
N GLY A 374 1.81 16.31 -0.43
CA GLY A 374 1.78 15.98 0.98
C GLY A 374 2.88 15.01 1.39
N ILE A 375 3.02 13.87 0.69
CA ILE A 375 3.98 12.87 1.15
CA ILE A 375 3.97 12.88 1.13
C ILE A 375 5.41 13.39 0.92
N GLU A 376 5.64 14.17 -0.16
CA GLU A 376 6.97 14.78 -0.38
C GLU A 376 7.35 15.75 0.75
N THR A 377 6.36 16.45 1.29
CA THR A 377 6.59 17.37 2.41
C THR A 377 7.03 16.57 3.64
N ILE A 378 6.34 15.44 3.90
CA ILE A 378 6.69 14.60 5.04
C ILE A 378 8.13 14.10 4.90
N ARG A 379 8.48 13.61 3.70
CA ARG A 379 9.85 13.11 3.50
C ARG A 379 10.88 14.23 3.74
N LYS A 380 10.62 15.43 3.21
CA LYS A 380 11.55 16.56 3.41
C LYS A 380 11.73 16.80 4.92
N ALA A 381 10.62 16.77 5.67
CA ALA A 381 10.65 17.09 7.07
C ALA A 381 11.41 16.04 7.89
N VAL A 382 11.19 14.73 7.62
CA VAL A 382 11.83 13.71 8.46
C VAL A 382 13.29 13.45 8.05
N GLY A 383 13.66 13.85 6.84
CA GLY A 383 15.03 13.70 6.39
C GLY A 383 15.32 12.34 5.77
N GLU A 384 16.52 12.21 5.23
CA GLU A 384 16.92 11.01 4.49
C GLU A 384 17.25 9.86 5.45
N ASP A 385 17.50 10.18 6.72
CA ASP A 385 17.96 9.22 7.73
C ASP A 385 16.76 8.68 8.56
N SER A 386 15.54 9.05 8.17
CA SER A 386 14.34 8.49 8.81
C SER A 386 13.70 7.43 7.90
N PHE A 387 13.13 6.38 8.50
CA PHE A 387 12.41 5.31 7.77
C PHE A 387 10.93 5.67 7.74
N ILE A 388 10.35 5.75 6.54
CA ILE A 388 8.93 6.03 6.38
C ILE A 388 8.23 4.73 5.92
N LEU A 389 7.26 4.30 6.74
CA LEU A 389 6.37 3.14 6.44
C LEU A 389 5.00 3.68 6.09
N GLY A 390 4.56 3.50 4.84
CA GLY A 390 3.22 3.90 4.47
C GLY A 390 2.20 2.82 4.85
N CYS A 391 0.97 3.28 5.08
CA CYS A 391 -0.15 2.36 5.44
C CYS A 391 -1.46 3.02 5.00
N GLY A 392 -2.47 2.19 4.66
CA GLY A 392 -3.68 2.71 4.14
C GLY A 392 -3.50 3.59 2.92
N SER A 393 -2.52 3.25 2.08
CA SER A 393 -1.97 4.23 1.13
C SER A 393 -2.21 3.83 -0.32
N PRO A 394 -2.55 4.79 -1.21
CA PRO A 394 -2.36 4.58 -2.65
C PRO A 394 -0.93 4.07 -2.88
N LEU A 395 -0.79 3.06 -3.75
CA LEU A 395 0.51 2.40 -3.91
C LEU A 395 1.42 3.17 -4.88
N LEU A 396 1.07 3.24 -6.17
N LEU A 396 1.06 3.26 -6.17
CA LEU A 396 2.00 3.80 -7.16
CA LEU A 396 1.96 3.82 -7.18
C LEU A 396 2.38 5.24 -6.83
C LEU A 396 2.37 5.24 -6.84
N PRO A 397 1.47 6.14 -6.39
CA PRO A 397 1.89 7.52 -6.10
C PRO A 397 2.96 7.63 -5.00
N ALA A 398 3.11 6.63 -4.12
CA ALA A 398 4.03 6.66 -3.02
C ALA A 398 5.43 6.11 -3.35
N VAL A 399 5.60 5.49 -4.52
CA VAL A 399 6.91 4.92 -4.90
C VAL A 399 7.91 6.10 -5.02
N GLY A 400 9.07 5.93 -4.40
CA GLY A 400 10.10 6.97 -4.39
C GLY A 400 10.10 7.81 -3.13
N CYS A 401 9.04 7.73 -2.34
CA CYS A 401 8.90 8.54 -1.14
CA CYS A 401 8.90 8.52 -1.16
C CYS A 401 9.03 7.66 0.11
N VAL A 402 8.25 6.57 0.18
CA VAL A 402 8.30 5.66 1.35
C VAL A 402 9.48 4.68 1.22
N ASP A 403 9.96 4.21 2.36
CA ASP A 403 10.96 3.16 2.44
C ASP A 403 10.27 1.78 2.49
N GLY A 404 9.18 1.68 3.26
CA GLY A 404 8.38 0.44 3.40
C GLY A 404 6.93 0.77 3.16
N MET A 405 6.11 -0.28 2.86
CA MET A 405 4.71 -0.05 2.60
C MET A 405 3.91 -1.27 3.06
N ARG A 406 2.91 -1.06 3.90
CA ARG A 406 1.93 -2.12 4.17
C ARG A 406 1.23 -2.44 2.86
N ILE A 407 1.21 -3.75 2.54
CA ILE A 407 0.64 -4.22 1.25
C ILE A 407 -0.57 -5.14 1.44
N GLY A 408 -1.08 -5.25 2.65
CA GLY A 408 -2.28 -6.06 2.87
C GLY A 408 -3.19 -5.45 3.92
N PRO A 409 -4.41 -6.00 4.03
CA PRO A 409 -5.31 -5.68 5.14
C PRO A 409 -4.71 -6.14 6.46
N ASP A 410 -5.29 -5.64 7.56
CA ASP A 410 -4.72 -5.90 8.86
C ASP A 410 -4.72 -7.40 9.18
N THR A 411 -3.63 -7.85 9.78
CA THR A 411 -3.58 -9.14 10.46
C THR A 411 -4.36 -9.06 11.78
N ALA A 412 -4.34 -10.16 12.53
CA ALA A 412 -5.09 -10.26 13.75
C ALA A 412 -4.58 -11.43 14.56
N PRO A 413 -4.90 -11.47 15.87
CA PRO A 413 -4.55 -12.62 16.71
C PRO A 413 -5.53 -13.79 16.57
N PHE A 414 -5.94 -14.04 15.33
CA PHE A 414 -6.83 -15.13 14.95
C PHE A 414 -6.73 -15.31 13.43
N TRP A 415 -7.05 -16.52 12.96
CA TRP A 415 -6.91 -16.81 11.55
C TRP A 415 -7.99 -16.10 10.74
N GLY A 416 -9.23 -16.15 11.27
CA GLY A 416 -10.37 -15.43 10.68
C GLY A 416 -11.31 -16.37 9.94
N GLU A 417 -11.70 -17.46 10.59
CA GLU A 417 -12.52 -18.53 9.96
C GLU A 417 -13.80 -17.93 9.35
N HIS A 418 -14.44 -17.00 10.07
CA HIS A 418 -15.74 -16.42 9.66
C HIS A 418 -15.58 -15.03 9.04
N ILE A 419 -14.35 -14.65 8.71
CA ILE A 419 -14.08 -13.35 8.11
C ILE A 419 -13.97 -13.51 6.59
N GLU A 420 -14.84 -12.78 5.87
CA GLU A 420 -14.82 -12.78 4.42
C GLU A 420 -13.64 -11.92 3.95
N ASP A 421 -13.32 -12.07 2.67
CA ASP A 421 -12.27 -11.32 2.01
C ASP A 421 -12.78 -9.92 1.63
N ASN A 422 -13.05 -9.10 2.64
CA ASN A 422 -13.78 -7.85 2.51
CA ASN A 422 -13.65 -7.79 2.36
C ASN A 422 -13.10 -6.76 3.34
N GLY A 423 -11.93 -7.06 3.93
CA GLY A 423 -11.11 -6.01 4.56
C GLY A 423 -11.16 -6.01 6.09
N ALA A 424 -12.02 -6.82 6.70
CA ALA A 424 -11.99 -6.94 8.18
C ALA A 424 -10.71 -7.66 8.59
N PRO A 425 -10.12 -7.36 9.77
CA PRO A 425 -8.86 -7.98 10.18
C PRO A 425 -8.95 -9.51 10.20
N ALA A 426 -7.85 -10.15 9.75
CA ALA A 426 -7.79 -11.63 9.71
C ALA A 426 -6.38 -12.02 9.26
N ALA A 427 -5.69 -12.89 9.99
CA ALA A 427 -4.38 -13.30 9.55
C ALA A 427 -4.44 -13.88 8.11
N ARG A 428 -5.51 -14.61 7.77
CA ARG A 428 -5.50 -15.34 6.51
CA ARG A 428 -5.54 -15.34 6.51
C ARG A 428 -5.50 -14.38 5.30
N TRP A 429 -6.23 -13.26 5.38
CA TRP A 429 -6.30 -12.34 4.24
C TRP A 429 -5.10 -11.39 4.20
N ALA A 430 -4.55 -11.05 5.37
CA ALA A 430 -3.29 -10.29 5.40
C ALA A 430 -2.21 -11.07 4.67
N LEU A 431 -2.13 -12.38 4.93
CA LEU A 431 -1.06 -13.16 4.36
C LEU A 431 -1.26 -13.39 2.84
N ARG A 432 -2.52 -13.52 2.42
CA ARG A 432 -2.80 -13.67 0.98
C ARG A 432 -2.16 -12.51 0.20
N ASN A 433 -2.40 -11.27 0.66
CA ASN A 433 -1.89 -10.10 -0.07
C ASN A 433 -0.35 -10.01 0.01
N ALA A 434 0.28 -10.47 1.08
CA ALA A 434 1.75 -10.53 1.07
C ALA A 434 2.26 -11.39 -0.08
N ILE A 435 1.53 -12.50 -0.34
CA ILE A 435 1.89 -13.41 -1.41
C ILE A 435 1.57 -12.77 -2.77
N THR A 436 0.36 -12.26 -2.99
CA THR A 436 -0.02 -11.82 -4.35
C THR A 436 0.67 -10.51 -4.75
N ARG A 437 1.13 -9.68 -3.79
CA ARG A 437 1.86 -8.43 -4.09
C ARG A 437 3.37 -8.64 -3.86
N TYR A 438 3.87 -9.89 -3.82
CA TYR A 438 5.25 -10.17 -3.43
C TYR A 438 6.22 -9.37 -4.34
N PHE A 439 5.86 -9.22 -5.62
CA PHE A 439 6.77 -8.73 -6.65
C PHE A 439 7.11 -7.24 -6.46
N MET A 440 6.34 -6.54 -5.61
CA MET A 440 6.65 -5.12 -5.31
C MET A 440 7.88 -5.05 -4.39
N HIS A 441 8.17 -6.09 -3.64
CA HIS A 441 9.17 -6.08 -2.63
C HIS A 441 10.57 -5.96 -3.26
N ASP A 442 11.41 -5.07 -2.70
CA ASP A 442 12.78 -4.81 -3.17
C ASP A 442 12.76 -4.20 -4.58
N ARG A 443 11.61 -3.68 -5.02
CA ARG A 443 11.49 -3.01 -6.31
C ARG A 443 10.78 -1.66 -6.13
N PHE A 444 9.60 -1.66 -5.51
CA PHE A 444 8.90 -0.41 -5.17
C PHE A 444 9.42 0.21 -3.86
N TRP A 445 9.88 -0.62 -2.92
CA TRP A 445 10.03 -0.34 -1.47
C TRP A 445 10.28 -1.68 -0.78
N LEU A 446 10.40 -1.70 0.54
CA LEU A 446 10.28 -2.94 1.32
C LEU A 446 8.80 -3.21 1.58
N ASN A 447 8.36 -4.44 1.26
CA ASN A 447 6.98 -4.81 1.59
C ASN A 447 6.85 -5.07 3.09
N ASP A 448 5.77 -4.54 3.67
CA ASP A 448 5.38 -4.81 5.06
C ASP A 448 4.16 -5.72 5.04
N PRO A 449 4.33 -6.99 5.47
CA PRO A 449 3.25 -7.99 5.43
C PRO A 449 2.37 -7.93 6.67
N ASP A 450 2.58 -6.92 7.53
CA ASP A 450 1.97 -6.70 8.84
C ASP A 450 2.62 -7.61 9.89
N CYS A 451 2.31 -7.32 11.16
CA CYS A 451 3.13 -7.78 12.26
C CYS A 451 2.97 -9.28 12.51
N LEU A 452 4.06 -9.89 12.96
CA LEU A 452 4.01 -11.22 13.51
C LEU A 452 3.40 -11.17 14.91
N ILE A 453 2.52 -12.14 15.17
CA ILE A 453 1.86 -12.29 16.47
C ILE A 453 2.24 -13.68 17.03
N LEU A 454 3.17 -13.69 17.98
CA LEU A 454 3.88 -14.90 18.39
C LEU A 454 3.61 -15.24 19.86
N ARG A 455 2.73 -14.48 20.54
CA ARG A 455 2.39 -14.80 21.94
C ARG A 455 1.67 -16.15 22.00
N GLU A 456 1.67 -16.74 23.20
CA GLU A 456 1.04 -18.05 23.38
C GLU A 456 -0.11 -17.99 24.39
N GLU A 457 -0.47 -16.79 24.81
CA GLU A 457 -1.69 -16.47 25.56
C GLU A 457 -2.35 -15.27 24.89
N LYS A 458 -3.64 -15.05 25.19
CA LYS A 458 -4.43 -13.94 24.61
C LYS A 458 -4.34 -14.00 23.08
N THR A 459 -4.51 -15.20 22.53
CA THR A 459 -4.55 -15.40 21.08
C THR A 459 -5.31 -16.68 20.76
N ASP A 460 -5.90 -16.76 19.56
CA ASP A 460 -6.53 -17.99 19.10
C ASP A 460 -5.72 -18.65 17.98
N LEU A 461 -4.57 -18.09 17.64
CA LEU A 461 -3.69 -18.69 16.66
C LEU A 461 -3.01 -19.93 17.24
N THR A 462 -2.91 -20.98 16.43
CA THR A 462 -2.16 -22.18 16.81
C THR A 462 -0.66 -22.00 16.50
N GLN A 463 0.17 -22.89 17.07
CA GLN A 463 1.60 -22.90 16.77
C GLN A 463 1.80 -23.03 15.25
N LYS A 464 1.03 -23.91 14.59
CA LYS A 464 1.22 -24.13 13.15
CA LYS A 464 1.20 -24.14 13.14
C LYS A 464 0.83 -22.88 12.35
N GLU A 465 -0.19 -22.15 12.79
CA GLU A 465 -0.61 -20.94 12.10
C GLU A 465 0.47 -19.84 12.23
N LYS A 466 1.01 -19.69 13.45
CA LYS A 466 2.06 -18.70 13.71
C LYS A 466 3.29 -19.02 12.85
N GLU A 467 3.65 -20.29 12.74
CA GLU A 467 4.78 -20.72 11.92
C GLU A 467 4.52 -20.43 10.44
N LEU A 468 3.31 -20.76 9.95
CA LEU A 468 2.93 -20.55 8.54
CA LEU A 468 2.96 -20.54 8.56
C LEU A 468 3.08 -19.06 8.20
N TYR A 469 2.51 -18.18 9.03
CA TYR A 469 2.56 -16.74 8.71
C TYR A 469 4.02 -16.25 8.73
N SER A 470 4.75 -16.59 9.80
CA SER A 470 6.09 -16.04 10.04
C SER A 470 7.07 -16.52 8.97
N TYR A 471 7.07 -17.85 8.73
CA TYR A 471 8.04 -18.41 7.79
C TYR A 471 7.75 -17.95 6.35
N THR A 472 6.48 -17.74 6.01
CA THR A 472 6.14 -17.18 4.70
C THR A 472 6.72 -15.76 4.54
N CYS A 473 6.54 -14.93 5.57
CA CYS A 473 7.06 -13.55 5.54
C CYS A 473 8.59 -13.58 5.39
N GLY A 474 9.25 -14.51 6.09
CA GLY A 474 10.71 -14.62 6.01
C GLY A 474 11.19 -15.05 4.62
N VAL A 475 10.55 -16.07 4.03
CA VAL A 475 10.92 -16.49 2.66
C VAL A 475 10.75 -15.31 1.70
N LEU A 476 9.67 -14.55 1.89
CA LEU A 476 9.37 -13.39 1.01
C LEU A 476 10.35 -12.21 1.22
N ASP A 477 11.25 -12.32 2.22
CA ASP A 477 12.22 -11.26 2.55
C ASP A 477 11.55 -9.97 3.04
N ASN A 478 10.32 -10.09 3.53
CA ASN A 478 9.53 -8.92 3.93
C ASN A 478 9.99 -8.39 5.30
N MET A 479 9.56 -7.16 5.62
CA MET A 479 9.78 -6.56 6.94
CA MET A 479 9.86 -6.60 6.93
C MET A 479 9.22 -7.46 8.03
N ILE A 480 9.98 -7.60 9.12
CA ILE A 480 9.59 -8.46 10.27
C ILE A 480 9.50 -7.60 11.53
N ILE A 481 8.27 -7.30 11.92
CA ILE A 481 7.92 -6.49 13.09
C ILE A 481 7.01 -7.34 13.97
N GLU A 482 7.30 -7.46 15.26
CA GLU A 482 6.49 -8.28 16.15
C GLU A 482 5.53 -7.39 16.96
N SER A 483 4.32 -7.86 17.20
CA SER A 483 3.34 -7.09 17.97
C SER A 483 2.67 -7.98 19.03
N ASP A 484 3.21 -7.95 20.26
CA ASP A 484 2.78 -8.82 21.34
C ASP A 484 3.04 -8.13 22.68
N ASP A 485 2.28 -8.48 23.71
CA ASP A 485 2.76 -8.39 25.10
C ASP A 485 3.92 -9.38 25.28
N LEU A 486 5.15 -8.86 25.44
CA LEU A 486 6.35 -9.68 25.38
C LEU A 486 6.45 -10.62 26.59
N SER A 487 5.64 -10.36 27.62
CA SER A 487 5.56 -11.27 28.77
CA SER A 487 5.49 -11.25 28.79
C SER A 487 4.90 -12.60 28.37
N LEU A 488 4.19 -12.62 27.24
CA LEU A 488 3.39 -13.79 26.86
C LEU A 488 4.05 -14.54 25.69
N VAL A 489 5.27 -14.16 25.31
CA VAL A 489 6.04 -14.81 24.25
C VAL A 489 7.12 -15.66 24.92
N ARG A 490 7.02 -17.00 24.74
CA ARG A 490 7.92 -17.92 25.42
C ARG A 490 8.72 -18.69 24.37
N ASP A 491 9.16 -19.91 24.68
CA ASP A 491 10.19 -20.56 23.89
C ASP A 491 9.74 -20.70 22.43
N HIS A 492 8.48 -21.10 22.19
CA HIS A 492 8.04 -21.30 20.80
C HIS A 492 8.15 -20.00 20.00
N GLY A 493 7.64 -18.91 20.57
CA GLY A 493 7.58 -17.64 19.85
C GLY A 493 8.97 -17.08 19.60
N LYS A 494 9.86 -17.26 20.57
CA LYS A 494 11.24 -16.82 20.42
C LYS A 494 11.92 -17.63 19.31
N LYS A 495 11.68 -18.95 19.27
CA LYS A 495 12.25 -19.83 18.26
C LYS A 495 11.76 -19.44 16.86
N VAL A 496 10.46 -19.16 16.75
CA VAL A 496 9.87 -18.85 15.44
C VAL A 496 10.47 -17.55 14.89
N LEU A 497 10.61 -16.53 15.74
CA LEU A 497 11.20 -15.26 15.26
C LEU A 497 12.65 -15.50 14.82
N LYS A 498 13.42 -16.24 15.61
CA LYS A 498 14.83 -16.53 15.31
C LYS A 498 14.93 -17.18 13.92
N GLU A 499 14.07 -18.19 13.68
CA GLU A 499 14.14 -18.98 12.46
CA GLU A 499 14.08 -18.98 12.46
C GLU A 499 13.64 -18.13 11.28
N THR A 500 12.65 -17.26 11.52
CA THR A 500 12.14 -16.37 10.51
C THR A 500 13.24 -15.44 10.00
N LEU A 501 14.02 -14.87 10.92
CA LEU A 501 15.06 -13.93 10.56
C LEU A 501 16.16 -14.63 9.73
N GLU A 502 16.32 -15.95 9.90
CA GLU A 502 17.30 -16.76 9.16
C GLU A 502 16.85 -17.03 7.71
N LEU A 503 15.57 -16.78 7.38
CA LEU A 503 15.04 -17.00 6.03
C LEU A 503 15.14 -15.74 5.16
N LEU A 504 15.47 -14.62 5.78
CA LEU A 504 15.57 -13.34 5.07
C LEU A 504 16.82 -13.31 4.17
N GLY A 505 16.82 -12.33 3.27
CA GLY A 505 17.98 -11.98 2.48
C GLY A 505 17.91 -12.39 1.02
N GLY A 506 16.87 -13.16 0.64
CA GLY A 506 16.79 -13.76 -0.67
C GLY A 506 15.98 -12.97 -1.68
N ARG A 507 15.90 -13.57 -2.89
CA ARG A 507 15.10 -13.10 -3.99
CA ARG A 507 15.09 -13.09 -3.98
C ARG A 507 13.92 -14.05 -4.17
N PRO A 508 12.70 -13.67 -3.73
CA PRO A 508 11.57 -14.61 -3.77
C PRO A 508 10.83 -14.62 -5.11
N ARG A 509 10.13 -15.73 -5.37
CA ARG A 509 9.20 -15.79 -6.47
C ARG A 509 8.03 -16.69 -6.07
N VAL A 510 6.80 -16.19 -6.25
CA VAL A 510 5.59 -17.00 -6.10
C VAL A 510 5.33 -17.62 -7.48
N GLN A 511 5.51 -18.93 -7.56
CA GLN A 511 5.60 -19.64 -8.84
CA GLN A 511 5.60 -19.63 -8.85
C GLN A 511 4.23 -19.71 -9.53
N ASN A 512 3.16 -19.75 -8.75
CA ASN A 512 1.80 -20.00 -9.27
C ASN A 512 0.89 -18.82 -8.89
N ILE A 513 1.25 -17.62 -9.36
CA ILE A 513 0.60 -16.41 -8.94
C ILE A 513 -0.90 -16.36 -9.30
N MET A 514 -1.33 -17.11 -10.32
CA MET A 514 -2.74 -17.06 -10.75
C MET A 514 -3.58 -18.12 -10.00
N SER A 515 -3.04 -18.72 -8.93
CA SER A 515 -3.76 -19.72 -8.12
C SER A 515 -5.12 -19.18 -7.67
N GLU A 516 -6.14 -20.04 -7.67
CA GLU A 516 -7.46 -19.66 -7.15
C GLU A 516 -7.86 -20.47 -5.90
N ASP A 517 -6.98 -21.34 -5.38
CA ASP A 517 -7.37 -22.17 -4.21
C ASP A 517 -6.51 -21.90 -2.97
N LEU A 518 -5.80 -20.76 -2.93
CA LEU A 518 -5.05 -20.30 -1.76
C LEU A 518 -3.92 -21.26 -1.40
N ARG A 519 -3.48 -22.07 -2.37
CA ARG A 519 -2.25 -22.81 -2.23
C ARG A 519 -1.18 -22.20 -3.15
N TYR A 520 -0.01 -21.92 -2.58
CA TYR A 520 1.07 -21.24 -3.28
C TYR A 520 2.39 -21.98 -3.08
N GLU A 521 3.18 -22.01 -4.16
CA GLU A 521 4.56 -22.53 -4.14
CA GLU A 521 4.55 -22.52 -4.12
C GLU A 521 5.50 -21.32 -4.24
N ILE A 522 6.36 -21.14 -3.23
CA ILE A 522 7.20 -19.96 -3.12
C ILE A 522 8.66 -20.37 -2.95
N VAL A 523 9.51 -19.86 -3.84
CA VAL A 523 10.95 -20.11 -3.72
C VAL A 523 11.66 -18.79 -3.39
N SER A 524 12.81 -18.92 -2.72
CA SER A 524 13.68 -17.75 -2.54
C SER A 524 15.14 -18.20 -2.65
N SER A 525 15.89 -17.54 -3.53
CA SER A 525 17.30 -17.84 -3.75
CA SER A 525 17.30 -17.83 -3.76
C SER A 525 18.16 -16.92 -2.88
N GLY A 526 19.25 -17.48 -2.33
CA GLY A 526 20.30 -16.68 -1.70
C GLY A 526 19.88 -16.07 -0.37
N THR A 527 19.03 -16.77 0.39
CA THR A 527 18.69 -16.36 1.77
C THR A 527 19.89 -16.64 2.69
N LEU A 528 19.79 -16.19 3.95
CA LEU A 528 20.82 -16.48 4.94
C LEU A 528 20.89 -18.00 5.21
N SER A 529 19.88 -18.73 4.77
CA SER A 529 19.78 -20.18 4.96
C SER A 529 19.99 -20.92 3.63
N GLY A 530 20.46 -20.21 2.61
CA GLY A 530 20.64 -20.76 1.26
C GLY A 530 19.36 -20.66 0.44
N ASN A 531 19.24 -21.52 -0.56
CA ASN A 531 18.07 -21.57 -1.40
C ASN A 531 16.97 -22.31 -0.62
N VAL A 532 15.77 -21.74 -0.59
CA VAL A 532 14.68 -22.30 0.16
C VAL A 532 13.41 -22.37 -0.70
N LYS A 533 12.49 -23.26 -0.30
CA LYS A 533 11.16 -23.34 -0.93
C LYS A 533 10.14 -23.62 0.17
N ILE A 534 8.98 -22.94 0.11
CA ILE A 534 7.87 -23.18 1.01
C ILE A 534 6.60 -23.31 0.18
N VAL A 535 5.85 -24.40 0.45
CA VAL A 535 4.51 -24.57 -0.08
C VAL A 535 3.55 -24.25 1.05
N VAL A 536 2.60 -23.35 0.80
CA VAL A 536 1.70 -22.90 1.82
C VAL A 536 0.26 -23.04 1.32
N ASP A 537 -0.62 -23.47 2.23
CA ASP A 537 -2.00 -23.68 1.88
C ASP A 537 -2.83 -22.94 2.92
N LEU A 538 -3.43 -21.80 2.51
N LEU A 538 -3.45 -21.81 2.50
CA LEU A 538 -4.10 -20.94 3.45
CA LEU A 538 -4.11 -20.90 3.43
C LEU A 538 -5.44 -21.54 3.88
C LEU A 538 -5.56 -21.35 3.68
N ASN A 539 -5.95 -22.48 3.08
CA ASN A 539 -7.25 -23.11 3.37
CA ASN A 539 -7.24 -23.16 3.32
C ASN A 539 -7.07 -24.21 4.43
N SER A 540 -6.09 -25.11 4.25
CA SER A 540 -5.79 -26.15 5.24
C SER A 540 -4.94 -25.63 6.41
N ARG A 541 -4.37 -24.43 6.26
CA ARG A 541 -3.49 -23.85 7.25
C ARG A 541 -2.25 -24.73 7.49
N GLU A 542 -1.63 -25.15 6.38
CA GLU A 542 -0.47 -26.05 6.42
C GLU A 542 0.66 -25.43 5.59
N TYR A 543 1.91 -25.78 5.93
CA TYR A 543 3.07 -25.42 5.13
C TYR A 543 4.05 -26.60 5.09
N HIS A 544 4.90 -26.57 4.07
CA HIS A 544 5.98 -27.50 3.92
C HIS A 544 7.21 -26.71 3.46
N LEU A 545 8.20 -26.61 4.35
CA LEU A 545 9.41 -25.79 4.15
C LEU A 545 10.61 -26.70 3.91
N GLU A 546 11.39 -26.40 2.88
CA GLU A 546 12.63 -27.11 2.54
C GLU A 546 13.75 -26.09 2.38
N LYS A 547 14.89 -26.32 3.06
CA LYS A 547 16.03 -25.42 3.06
C LYS A 547 17.25 -26.18 2.54
N GLU A 548 17.96 -25.59 1.56
CA GLU A 548 19.15 -26.22 0.96
C GLU A 548 20.39 -25.86 1.81
#